data_8JPQ
#
_entry.id   8JPQ
#
_cell.length_a   45.508
_cell.length_b   53.876
_cell.length_c   114.113
_cell.angle_alpha   90.00
_cell.angle_beta   101.30
_cell.angle_gamma   90.00
#
_symmetry.space_group_name_H-M   'I 1 2 1'
#
loop_
_entity.id
_entity.type
_entity.pdbx_description
1 polymer '3C-like proteinase nsp5'
2 polymer ACE-ALA-ILE-V3E
#
loop_
_entity_poly.entity_id
_entity_poly.type
_entity_poly.pdbx_seq_one_letter_code
_entity_poly.pdbx_strand_id
1 'polypeptide(L)'
;SGFRKMAFPSGKVEGCMVQVTCGTTTLNGLWLDDVVYCPRHVICTSEDMLNPNYEDLLIRKSNHNFLVQAGNVQLRVIGH
SMQNCVLKLKVDTANPKTPKYKFVRIQPGQTFSVLACYNGSPSGVYQCAMRPNFTIKGSFLNGSCGSVGFNIDYDCVSFC
YMHHMELPTGVHAGTDLEGNFYGPFVDRQTAQAAGTDTTITVNVLAWLYAAVINGDRWFLNRFTTTLNDFNLVAMKYNYE
PLTQDHVDILGPLSAQTGIAVLDMCASLKELLQNGMNGRTILGSALLEDEFTPFDVVRQCSG
;
A
2 'polypeptide(L)' (ACE)AI(V3E) B
#
# COMPACT_ATOMS: atom_id res chain seq x y z
N SER A 1 16.51 -18.64 -9.82
CA SER A 1 17.06 -17.31 -9.68
C SER A 1 16.14 -16.25 -10.26
N GLY A 2 16.66 -15.04 -10.41
CA GLY A 2 15.84 -13.92 -10.85
C GLY A 2 15.14 -13.26 -9.69
N PHE A 3 14.93 -11.95 -9.83
CA PHE A 3 14.28 -11.17 -8.77
C PHE A 3 13.46 -10.06 -9.40
N ARG A 4 12.15 -10.10 -9.21
CA ARG A 4 11.24 -9.12 -9.76
C ARG A 4 10.27 -8.65 -8.68
N LYS A 5 9.67 -7.48 -8.91
CA LYS A 5 8.62 -6.97 -8.04
C LYS A 5 7.39 -7.86 -8.18
N MET A 6 7.04 -8.57 -7.12
CA MET A 6 5.95 -9.53 -7.12
C MET A 6 4.77 -9.01 -6.31
N ALA A 7 3.57 -9.39 -6.72
CA ALA A 7 2.36 -9.14 -5.97
C ALA A 7 1.74 -10.46 -5.56
N PHE A 8 0.95 -10.43 -4.49
CA PHE A 8 0.28 -11.62 -4.02
C PHE A 8 -0.78 -12.08 -5.04
N PRO A 9 -1.09 -13.37 -5.08
CA PRO A 9 -2.20 -13.85 -5.94
C PRO A 9 -3.51 -13.22 -5.50
N SER A 10 -4.16 -12.53 -6.44
CA SER A 10 -5.33 -11.69 -6.13
C SER A 10 -6.65 -12.45 -6.14
N GLY A 11 -6.62 -13.78 -6.29
CA GLY A 11 -7.86 -14.52 -6.48
C GLY A 11 -8.83 -14.34 -5.34
N LYS A 12 -8.35 -14.44 -4.09
CA LYS A 12 -9.22 -14.36 -2.93
C LYS A 12 -9.86 -12.98 -2.80
N VAL A 13 -9.14 -11.93 -3.19
CA VAL A 13 -9.68 -10.58 -3.06
C VAL A 13 -10.64 -10.27 -4.20
N GLU A 14 -10.44 -10.85 -5.38
CA GLU A 14 -11.31 -10.59 -6.52
C GLU A 14 -12.77 -10.87 -6.18
N GLY A 15 -13.03 -11.96 -5.46
CA GLY A 15 -14.39 -12.35 -5.16
C GLY A 15 -15.10 -11.45 -4.18
N CYS A 16 -14.40 -10.45 -3.66
CA CYS A 16 -14.96 -9.51 -2.70
C CYS A 16 -15.18 -8.12 -3.28
N MET A 17 -14.92 -7.92 -4.57
CA MET A 17 -15.05 -6.62 -5.20
C MET A 17 -16.46 -6.45 -5.76
N VAL A 18 -17.14 -5.38 -5.31
CA VAL A 18 -18.48 -5.04 -5.77
C VAL A 18 -18.50 -3.58 -6.18
N GLN A 19 -19.53 -3.22 -6.94
CA GLN A 19 -19.75 -1.85 -7.39
C GLN A 19 -20.81 -1.21 -6.51
N VAL A 20 -20.45 -0.07 -5.91
CA VAL A 20 -21.34 0.66 -5.03
C VAL A 20 -21.73 1.97 -5.72
N THR A 21 -23.03 2.21 -5.85
CA THR A 21 -23.55 3.42 -6.47
C THR A 21 -24.54 4.08 -5.52
N CYS A 22 -24.46 5.41 -5.42
CA CYS A 22 -25.36 6.17 -4.56
C CYS A 22 -25.67 7.47 -5.29
N GLY A 23 -26.92 7.62 -5.70
CA GLY A 23 -27.26 8.78 -6.53
C GLY A 23 -26.55 8.68 -7.86
N THR A 24 -25.81 9.73 -8.19
CA THR A 24 -25.03 9.76 -9.43
C THR A 24 -23.60 9.29 -9.25
N THR A 25 -23.13 9.16 -8.01
CA THR A 25 -21.75 8.80 -7.73
C THR A 25 -21.60 7.29 -7.63
N THR A 26 -20.44 6.78 -8.08
CA THR A 26 -20.19 5.34 -8.07
C THR A 26 -18.70 5.09 -7.84
N LEU A 27 -18.40 4.01 -7.11
CA LEU A 27 -17.03 3.56 -6.88
C LEU A 27 -17.08 2.10 -6.46
N ASN A 28 -15.93 1.60 -5.99
CA ASN A 28 -15.79 0.18 -5.65
C ASN A 28 -16.04 -0.05 -4.17
N GLY A 29 -16.42 -1.29 -3.84
CA GLY A 29 -16.64 -1.68 -2.47
C GLY A 29 -16.11 -3.07 -2.20
N LEU A 30 -15.92 -3.37 -0.91
CA LEU A 30 -15.37 -4.65 -0.47
C LEU A 30 -16.45 -5.38 0.31
N TRP A 31 -16.88 -6.53 -0.21
CA TRP A 31 -18.01 -7.30 0.32
C TRP A 31 -17.45 -8.49 1.11
N LEU A 32 -17.46 -8.37 2.42
CA LEU A 32 -17.03 -9.44 3.32
C LEU A 32 -18.18 -9.76 4.28
N ASP A 33 -18.53 -11.05 4.35
CA ASP A 33 -19.69 -11.51 5.14
C ASP A 33 -20.91 -10.73 4.65
N ASP A 34 -21.70 -10.12 5.53
CA ASP A 34 -22.88 -9.38 5.13
C ASP A 34 -22.68 -7.86 5.26
N VAL A 35 -21.45 -7.38 5.04
CA VAL A 35 -21.13 -5.97 5.10
C VAL A 35 -20.33 -5.61 3.86
N VAL A 36 -20.57 -4.41 3.33
CA VAL A 36 -19.84 -3.88 2.18
C VAL A 36 -19.18 -2.58 2.60
N TYR A 37 -17.87 -2.50 2.41
CA TYR A 37 -17.08 -1.33 2.78
C TYR A 37 -16.72 -0.54 1.54
N CYS A 38 -16.84 0.78 1.63
CA CYS A 38 -16.51 1.68 0.52
C CYS A 38 -16.20 3.05 1.10
N PRO A 39 -15.48 3.90 0.37
CA PRO A 39 -15.22 5.25 0.86
C PRO A 39 -16.51 6.05 1.00
N ARG A 40 -16.56 6.88 2.05
CA ARG A 40 -17.81 7.55 2.40
C ARG A 40 -18.19 8.65 1.41
N HIS A 41 -17.26 9.14 0.59
CA HIS A 41 -17.60 10.19 -0.36
C HIS A 41 -18.31 9.65 -1.60
N VAL A 42 -18.82 8.42 -1.53
CA VAL A 42 -19.79 7.94 -2.52
C VAL A 42 -21.13 8.65 -2.38
N ILE A 43 -21.34 9.35 -1.26
CA ILE A 43 -22.55 10.12 -1.03
C ILE A 43 -22.40 11.58 -1.45
N CYS A 44 -21.26 11.95 -2.02
CA CYS A 44 -21.00 13.32 -2.42
C CYS A 44 -21.27 13.52 -3.90
N THR A 45 -21.66 14.74 -4.25
CA THR A 45 -21.63 15.18 -5.64
C THR A 45 -20.27 15.81 -5.91
N SER A 46 -20.05 16.25 -7.15
CA SER A 46 -18.82 16.97 -7.46
C SER A 46 -18.74 18.27 -6.68
N GLU A 47 -19.88 18.94 -6.47
CA GLU A 47 -19.90 20.16 -5.68
C GLU A 47 -19.74 19.87 -4.20
N ASP A 48 -20.25 18.72 -3.73
CA ASP A 48 -20.11 18.37 -2.32
C ASP A 48 -18.65 18.20 -1.93
N MET A 49 -17.83 17.69 -2.86
CA MET A 49 -16.44 17.38 -2.55
C MET A 49 -15.64 18.59 -2.10
N LEU A 50 -16.07 19.80 -2.46
CA LEU A 50 -15.30 20.99 -2.12
C LEU A 50 -15.28 21.22 -0.60
N ASN A 51 -16.39 20.98 0.08
CA ASN A 51 -16.47 21.19 1.51
C ASN A 51 -17.61 20.35 2.09
N PRO A 52 -17.44 19.04 2.21
CA PRO A 52 -18.56 18.18 2.63
C PRO A 52 -18.69 18.12 4.14
N ASN A 53 -19.93 18.26 4.62
CA ASN A 53 -20.30 17.90 6.00
C ASN A 53 -20.89 16.51 5.89
N TYR A 54 -20.04 15.49 6.08
CA TYR A 54 -20.45 14.11 5.80
C TYR A 54 -21.60 13.66 6.68
N GLU A 55 -21.65 14.13 7.94
CA GLU A 55 -22.76 13.78 8.81
C GLU A 55 -24.08 14.27 8.21
N ASP A 56 -24.17 15.57 7.91
CA ASP A 56 -25.38 16.12 7.32
C ASP A 56 -25.70 15.47 5.98
N LEU A 57 -24.67 15.24 5.16
CA LEU A 57 -24.88 14.63 3.84
C LEU A 57 -25.43 13.21 3.96
N LEU A 58 -25.06 12.50 5.03
CA LEU A 58 -25.53 11.13 5.22
C LEU A 58 -26.94 11.06 5.80
N ILE A 59 -27.35 12.10 6.55
CA ILE A 59 -28.70 12.13 7.12
C ILE A 59 -29.74 12.15 6.01
N ARG A 60 -29.46 12.82 4.91
CA ARG A 60 -30.38 12.84 3.77
C ARG A 60 -30.40 11.52 2.99
N LYS A 61 -29.82 10.45 3.50
CA LYS A 61 -29.65 9.20 2.75
C LYS A 61 -30.32 8.06 3.51
N SER A 62 -31.06 7.23 2.77
CA SER A 62 -31.68 6.03 3.32
C SER A 62 -31.13 4.81 2.59
N ASN A 63 -31.50 3.62 3.10
CA ASN A 63 -30.94 2.37 2.59
C ASN A 63 -31.16 2.22 1.10
N HIS A 64 -32.38 2.46 0.62
CA HIS A 64 -32.71 2.27 -0.78
C HIS A 64 -32.00 3.25 -1.71
N ASN A 65 -31.26 4.21 -1.17
CA ASN A 65 -30.45 5.11 -1.99
C ASN A 65 -29.08 4.52 -2.31
N PHE A 66 -28.81 3.28 -1.92
CA PHE A 66 -27.51 2.65 -2.08
C PHE A 66 -27.67 1.41 -2.94
N LEU A 67 -27.01 1.40 -4.09
CA LEU A 67 -27.10 0.31 -5.06
C LEU A 67 -25.78 -0.44 -5.10
N VAL A 68 -25.72 -1.58 -4.40
CA VAL A 68 -24.55 -2.45 -4.41
C VAL A 68 -24.78 -3.56 -5.42
N GLN A 69 -23.83 -3.75 -6.32
CA GLN A 69 -23.94 -4.72 -7.39
C GLN A 69 -22.73 -5.64 -7.38
N ALA A 70 -22.99 -6.94 -7.45
CA ALA A 70 -21.94 -7.97 -7.47
C ALA A 70 -22.06 -8.69 -8.83
N GLY A 71 -21.41 -8.13 -9.84
CA GLY A 71 -21.59 -8.63 -11.19
C GLY A 71 -22.98 -8.31 -11.69
N ASN A 72 -23.82 -9.34 -11.83
CA ASN A 72 -25.22 -9.13 -12.12
C ASN A 72 -26.08 -9.06 -10.86
N VAL A 73 -25.64 -9.74 -9.80
CA VAL A 73 -26.42 -9.81 -8.57
C VAL A 73 -26.60 -8.41 -8.01
N GLN A 74 -27.82 -8.10 -7.59
CA GLN A 74 -28.11 -6.86 -6.89
C GLN A 74 -28.27 -7.17 -5.41
N LEU A 75 -27.37 -6.64 -4.58
CA LEU A 75 -27.45 -6.83 -3.14
C LEU A 75 -28.36 -5.78 -2.53
N ARG A 76 -29.18 -6.20 -1.57
CA ARG A 76 -30.15 -5.34 -0.93
C ARG A 76 -29.57 -4.82 0.39
N VAL A 77 -29.44 -3.50 0.50
CA VAL A 77 -28.88 -2.89 1.70
C VAL A 77 -29.97 -2.79 2.75
N ILE A 78 -29.64 -3.15 3.99
CA ILE A 78 -30.59 -3.17 5.08
C ILE A 78 -30.00 -2.53 6.33
N GLY A 79 -29.06 -1.61 6.13
CA GLY A 79 -28.44 -0.91 7.24
C GLY A 79 -27.17 -0.20 6.85
N HIS A 80 -27.01 1.05 7.27
CA HIS A 80 -25.86 1.86 6.88
C HIS A 80 -25.30 2.58 8.10
N SER A 81 -23.98 2.77 8.10
CA SER A 81 -23.28 3.39 9.21
C SER A 81 -21.96 3.95 8.71
N MET A 82 -21.55 5.08 9.29
CA MET A 82 -20.27 5.71 8.97
C MET A 82 -19.27 5.41 10.07
N GLN A 83 -18.15 4.80 9.70
CA GLN A 83 -17.02 4.60 10.61
C GLN A 83 -15.84 5.39 10.05
N ASN A 84 -15.53 6.52 10.68
CA ASN A 84 -14.53 7.45 10.17
C ASN A 84 -14.80 7.81 8.72
N CYS A 85 -13.92 7.43 7.81
CA CYS A 85 -14.03 7.82 6.41
C CYS A 85 -14.56 6.71 5.50
N VAL A 86 -15.02 5.59 6.07
CA VAL A 86 -15.60 4.52 5.27
C VAL A 86 -17.07 4.36 5.63
N LEU A 87 -17.85 3.88 4.66
CA LEU A 87 -19.25 3.57 4.84
C LEU A 87 -19.41 2.06 5.01
N LYS A 88 -20.31 1.66 5.90
CA LYS A 88 -20.59 0.25 6.16
C LYS A 88 -22.03 -0.04 5.75
N LEU A 89 -22.19 -0.75 4.64
CA LEU A 89 -23.52 -1.09 4.13
C LEU A 89 -23.84 -2.52 4.52
N LYS A 90 -24.76 -2.67 5.47
CA LYS A 90 -25.26 -4.00 5.84
C LYS A 90 -26.16 -4.52 4.73
N VAL A 91 -25.97 -5.80 4.37
CA VAL A 91 -26.73 -6.43 3.29
C VAL A 91 -27.32 -7.73 3.80
N ASP A 92 -28.36 -8.19 3.09
CA ASP A 92 -29.08 -9.40 3.50
C ASP A 92 -28.35 -10.68 3.11
N THR A 93 -27.40 -10.60 2.18
CA THR A 93 -26.69 -11.78 1.71
C THR A 93 -25.24 -11.73 2.16
N ALA A 94 -24.81 -12.75 2.90
CA ALA A 94 -23.40 -12.94 3.15
C ALA A 94 -22.69 -13.33 1.87
N ASN A 95 -21.40 -13.03 1.79
CA ASN A 95 -20.62 -13.39 0.61
C ASN A 95 -20.19 -14.85 0.73
N PRO A 96 -20.57 -15.72 -0.21
CA PRO A 96 -20.08 -17.10 -0.16
C PRO A 96 -18.60 -17.21 -0.44
N LYS A 97 -18.01 -16.26 -1.14
CA LYS A 97 -16.58 -16.27 -1.46
C LYS A 97 -15.73 -15.58 -0.41
N THR A 98 -16.27 -15.33 0.77
CA THR A 98 -15.52 -14.63 1.81
C THR A 98 -14.32 -15.45 2.25
N PRO A 99 -13.10 -14.97 2.07
CA PRO A 99 -11.94 -15.69 2.59
C PRO A 99 -11.72 -15.37 4.05
N LYS A 100 -10.81 -16.11 4.67
CA LYS A 100 -10.34 -15.76 6.00
C LYS A 100 -9.61 -14.43 5.92
N TYR A 101 -10.08 -13.44 6.68
CA TYR A 101 -9.56 -12.09 6.54
C TYR A 101 -9.37 -11.44 7.90
N LYS A 102 -8.48 -10.46 7.93
CA LYS A 102 -8.24 -9.60 9.09
C LYS A 102 -8.12 -8.17 8.61
N PHE A 103 -8.34 -7.23 9.53
CA PHE A 103 -8.12 -5.81 9.27
C PHE A 103 -6.88 -5.38 10.05
N VAL A 104 -5.83 -4.96 9.35
CA VAL A 104 -4.62 -4.49 9.98
C VAL A 104 -4.28 -3.10 9.49
N ARG A 105 -3.70 -2.30 10.37
CA ARG A 105 -3.14 -1.00 10.02
C ARG A 105 -1.63 -1.17 9.94
N ILE A 106 -1.08 -1.11 8.73
CA ILE A 106 0.34 -1.36 8.54
C ILE A 106 1.14 -0.10 8.84
N GLN A 107 2.43 -0.31 9.07
CA GLN A 107 3.46 0.67 9.41
C GLN A 107 4.14 1.19 8.15
N PRO A 108 4.65 2.42 8.19
CA PRO A 108 5.38 2.95 7.04
C PRO A 108 6.57 2.07 6.69
N GLY A 109 6.84 1.93 5.40
CA GLY A 109 7.88 1.07 4.91
C GLY A 109 7.40 -0.32 4.53
N GLN A 110 6.33 -0.80 5.15
CA GLN A 110 5.76 -2.09 4.79
C GLN A 110 5.14 -2.04 3.40
N THR A 111 5.03 -3.20 2.78
CA THR A 111 4.51 -3.33 1.43
C THR A 111 3.20 -4.09 1.42
N PHE A 112 2.45 -3.92 0.33
CA PHE A 112 1.21 -4.64 0.14
C PHE A 112 0.88 -4.66 -1.35
N SER A 113 -0.03 -5.55 -1.72
CA SER A 113 -0.48 -5.68 -3.10
C SER A 113 -1.79 -4.93 -3.27
N VAL A 114 -1.91 -4.17 -4.35
CA VAL A 114 -3.11 -3.41 -4.68
C VAL A 114 -3.82 -4.10 -5.84
N LEU A 115 -5.12 -4.30 -5.69
CA LEU A 115 -5.97 -4.82 -6.77
C LEU A 115 -6.83 -3.67 -7.26
N ALA A 116 -6.42 -3.06 -8.37
CA ALA A 116 -7.12 -1.88 -8.90
C ALA A 116 -8.39 -2.32 -9.62
N CYS A 117 -9.50 -1.65 -9.30
CA CYS A 117 -10.81 -2.04 -9.80
C CYS A 117 -11.55 -0.84 -10.36
N TYR A 118 -12.45 -1.12 -11.30
CA TYR A 118 -13.33 -0.11 -11.88
C TYR A 118 -14.70 -0.74 -12.08
N ASN A 119 -15.71 -0.16 -11.43
CA ASN A 119 -17.09 -0.67 -11.46
C ASN A 119 -17.15 -2.10 -10.91
N GLY A 120 -16.45 -2.33 -9.79
CA GLY A 120 -16.46 -3.62 -9.12
C GLY A 120 -15.68 -4.72 -9.79
N SER A 121 -15.12 -4.47 -10.99
CA SER A 121 -14.36 -5.49 -11.71
C SER A 121 -12.88 -5.23 -11.60
N PRO A 122 -12.08 -6.25 -11.29
CA PRO A 122 -10.62 -6.04 -11.23
C PRO A 122 -10.03 -5.86 -12.61
N SER A 123 -9.08 -4.93 -12.72
CA SER A 123 -8.37 -4.69 -13.96
C SER A 123 -6.90 -5.04 -13.90
N GLY A 124 -6.32 -5.17 -12.72
CA GLY A 124 -4.90 -5.48 -12.59
C GLY A 124 -4.48 -5.47 -11.15
N VAL A 125 -3.25 -5.92 -10.93
CA VAL A 125 -2.68 -6.05 -9.59
C VAL A 125 -1.22 -5.64 -9.64
N TYR A 126 -0.79 -4.86 -8.64
CA TYR A 126 0.60 -4.44 -8.56
C TYR A 126 1.00 -4.30 -7.09
N GLN A 127 2.30 -4.12 -6.87
CA GLN A 127 2.89 -4.01 -5.55
C GLN A 127 3.40 -2.58 -5.32
N CYS A 128 3.31 -2.12 -4.08
CA CYS A 128 3.85 -0.82 -3.69
C CYS A 128 4.02 -0.82 -2.17
N ALA A 129 4.43 0.33 -1.62
CA ALA A 129 4.79 0.42 -0.21
C ALA A 129 4.24 1.70 0.38
N MET A 130 3.94 1.66 1.68
CA MET A 130 3.60 2.85 2.44
C MET A 130 4.84 3.72 2.57
N ARG A 131 4.83 4.85 1.87
CA ARG A 131 5.95 5.77 1.97
C ARG A 131 6.05 6.32 3.40
N PRO A 132 7.26 6.68 3.84
CA PRO A 132 7.41 7.29 5.17
C PRO A 132 6.48 8.47 5.43
N ASN A 133 6.06 9.18 4.39
CA ASN A 133 5.09 10.25 4.53
C ASN A 133 3.65 9.76 4.34
N PHE A 134 3.42 8.46 4.45
CA PHE A 134 2.09 7.85 4.48
C PHE A 134 1.30 8.05 3.19
N THR A 135 1.99 8.30 2.08
CA THR A 135 1.39 8.24 0.76
C THR A 135 1.84 6.96 0.04
N ILE A 136 1.21 6.69 -1.10
CA ILE A 136 1.64 5.60 -1.97
C ILE A 136 1.66 6.11 -3.41
N LYS A 137 2.60 5.60 -4.19
CA LYS A 137 2.72 5.91 -5.60
C LYS A 137 2.17 4.72 -6.38
N GLY A 138 0.90 4.79 -6.74
CA GLY A 138 0.27 3.70 -7.46
C GLY A 138 -0.24 4.09 -8.83
N SER A 139 -1.27 3.38 -9.30
CA SER A 139 -1.91 3.68 -10.58
C SER A 139 -3.42 3.69 -10.33
N PHE A 140 -4.01 4.89 -10.33
CA PHE A 140 -5.40 5.05 -9.90
C PHE A 140 -6.07 6.07 -10.83
N LEU A 141 -6.90 5.57 -11.75
CA LEU A 141 -7.72 6.45 -12.57
C LEU A 141 -9.02 6.77 -11.86
N ASN A 142 -9.83 7.63 -12.48
CA ASN A 142 -11.13 7.98 -11.90
C ASN A 142 -11.99 6.73 -11.79
N GLY A 143 -12.68 6.60 -10.65
CA GLY A 143 -13.48 5.44 -10.37
C GLY A 143 -12.74 4.31 -9.69
N SER A 144 -11.43 4.46 -9.45
CA SER A 144 -10.65 3.40 -8.82
C SER A 144 -10.72 3.43 -7.30
N CYS A 145 -11.34 4.44 -6.70
CA CYS A 145 -11.50 4.45 -5.26
C CYS A 145 -12.33 3.26 -4.81
N GLY A 146 -12.10 2.83 -3.58
CA GLY A 146 -12.65 1.58 -3.11
C GLY A 146 -11.77 0.38 -3.37
N SER A 147 -10.78 0.50 -4.26
CA SER A 147 -9.78 -0.53 -4.41
C SER A 147 -9.00 -0.68 -3.11
N VAL A 148 -8.63 -1.92 -2.79
CA VAL A 148 -8.02 -2.22 -1.50
C VAL A 148 -6.61 -2.76 -1.70
N GLY A 149 -5.80 -2.59 -0.66
CA GLY A 149 -4.47 -3.19 -0.58
C GLY A 149 -4.47 -4.28 0.47
N PHE A 150 -3.63 -5.29 0.26
CA PHE A 150 -3.72 -6.48 1.10
C PHE A 150 -2.41 -7.25 1.06
N ASN A 151 -2.24 -8.11 2.07
CA ASN A 151 -1.21 -9.13 2.13
C ASN A 151 -1.89 -10.48 2.36
N ILE A 152 -1.13 -11.55 2.16
CA ILE A 152 -1.65 -12.91 2.32
C ILE A 152 -0.70 -13.71 3.19
N ASP A 153 -1.24 -14.34 4.23
CA ASP A 153 -0.52 -15.29 5.07
C ASP A 153 -1.17 -16.64 4.76
N TYR A 154 -0.57 -17.38 3.82
CA TYR A 154 -1.07 -18.68 3.42
C TYR A 154 -2.53 -18.60 2.96
N ASP A 155 -3.46 -18.56 3.92
CA ASP A 155 -4.88 -18.56 3.62
C ASP A 155 -5.63 -17.36 4.17
N CYS A 156 -4.96 -16.45 4.89
CA CYS A 156 -5.61 -15.32 5.53
C CYS A 156 -5.23 -14.03 4.80
N VAL A 157 -6.24 -13.33 4.31
CA VAL A 157 -6.04 -12.07 3.60
C VAL A 157 -6.06 -10.94 4.62
N SER A 158 -4.96 -10.20 4.73
CA SER A 158 -4.85 -9.09 5.67
C SER A 158 -5.05 -7.79 4.88
N PHE A 159 -6.24 -7.20 5.03
CA PHE A 159 -6.55 -5.95 4.36
C PHE A 159 -5.98 -4.77 5.14
N CYS A 160 -5.32 -3.86 4.43
CA CYS A 160 -4.64 -2.75 5.07
C CYS A 160 -4.82 -1.41 4.38
N TYR A 161 -5.47 -1.36 3.21
CA TYR A 161 -5.56 -0.10 2.47
C TYR A 161 -6.89 -0.03 1.74
N MET A 162 -7.36 1.20 1.54
CA MET A 162 -8.47 1.52 0.66
C MET A 162 -8.20 2.87 0.02
N HIS A 163 -8.26 2.93 -1.30
CA HIS A 163 -7.93 4.18 -2.00
C HIS A 163 -9.09 5.16 -1.91
N HIS A 164 -8.79 6.38 -1.49
CA HIS A 164 -9.78 7.44 -1.37
C HIS A 164 -9.54 8.62 -2.31
N MET A 165 -8.29 9.00 -2.53
CA MET A 165 -8.04 10.23 -3.27
C MET A 165 -6.64 10.24 -3.86
N GLU A 166 -6.49 11.08 -4.89
CA GLU A 166 -5.21 11.42 -5.49
C GLU A 166 -4.86 12.85 -5.13
N LEU A 167 -3.68 13.06 -4.56
CA LEU A 167 -3.25 14.41 -4.25
C LEU A 167 -2.89 15.16 -5.53
N PRO A 168 -2.98 16.50 -5.52
CA PRO A 168 -2.60 17.27 -6.72
C PRO A 168 -1.18 17.01 -7.19
N THR A 169 -0.32 16.43 -6.35
CA THR A 169 1.05 16.14 -6.72
C THR A 169 1.21 14.83 -7.49
N GLY A 170 0.13 14.04 -7.64
CA GLY A 170 0.19 12.82 -8.40
C GLY A 170 0.34 11.55 -7.59
N VAL A 171 0.52 11.65 -6.27
CA VAL A 171 0.59 10.48 -5.42
C VAL A 171 -0.77 10.26 -4.78
N HIS A 172 -0.91 9.14 -4.08
CA HIS A 172 -2.23 8.67 -3.66
C HIS A 172 -2.30 8.51 -2.15
N ALA A 173 -3.50 8.69 -1.62
CA ALA A 173 -3.76 8.62 -0.18
C ALA A 173 -5.02 7.83 0.07
N GLY A 174 -5.03 7.07 1.16
CA GLY A 174 -6.19 6.29 1.51
C GLY A 174 -6.21 5.97 3.00
N THR A 175 -7.07 5.01 3.35
CA THR A 175 -7.32 4.66 4.74
C THR A 175 -7.08 3.17 4.96
N ASP A 176 -7.11 2.78 6.22
CA ASP A 176 -7.21 1.37 6.57
C ASP A 176 -8.68 0.94 6.40
N LEU A 177 -9.01 -0.27 6.82
CA LEU A 177 -10.37 -0.76 6.65
C LEU A 177 -11.29 -0.34 7.80
N GLU A 178 -10.75 0.33 8.82
CA GLU A 178 -11.58 0.95 9.84
C GLU A 178 -11.93 2.40 9.52
N GLY A 179 -11.35 2.96 8.46
CA GLY A 179 -11.71 4.28 7.99
C GLY A 179 -10.69 5.37 8.22
N ASN A 180 -9.66 5.11 9.02
CA ASN A 180 -8.70 6.14 9.39
C ASN A 180 -7.63 6.29 8.30
N PHE A 181 -7.45 7.52 7.83
CA PHE A 181 -6.43 7.81 6.83
C PHE A 181 -5.04 7.46 7.35
N TYR A 182 -4.17 7.05 6.43
CA TYR A 182 -2.74 7.08 6.67
C TYR A 182 -2.25 8.49 6.37
N GLY A 183 -1.66 9.15 7.35
CA GLY A 183 -1.13 10.48 7.16
C GLY A 183 -2.11 11.58 7.54
N PRO A 184 -1.77 12.81 7.18
CA PRO A 184 -2.58 13.96 7.63
C PRO A 184 -3.60 14.41 6.59
N PHE A 185 -4.22 13.46 5.90
CA PHE A 185 -5.08 13.77 4.77
C PHE A 185 -6.54 13.59 5.13
N VAL A 186 -7.39 14.43 4.52
CA VAL A 186 -8.83 14.39 4.70
C VAL A 186 -9.47 14.17 3.34
N ASP A 187 -10.67 13.58 3.34
CA ASP A 187 -11.40 13.32 2.10
C ASP A 187 -12.16 14.59 1.73
N ARG A 188 -11.45 15.51 1.10
CA ARG A 188 -12.00 16.80 0.70
C ARG A 188 -11.17 17.34 -0.46
N GLN A 189 -11.85 17.84 -1.50
CA GLN A 189 -11.16 18.39 -2.66
C GLN A 189 -10.54 19.74 -2.26
N THR A 190 -9.36 19.66 -1.63
CA THR A 190 -8.57 20.82 -1.28
C THR A 190 -7.10 20.45 -1.39
N ALA A 191 -6.27 21.48 -1.54
CA ALA A 191 -4.83 21.27 -1.66
C ALA A 191 -4.27 20.79 -0.32
N GLN A 192 -3.55 19.67 -0.36
CA GLN A 192 -3.01 19.06 0.84
C GLN A 192 -1.55 18.68 0.59
N ALA A 193 -0.70 18.93 1.58
CA ALA A 193 0.73 18.66 1.45
C ALA A 193 1.05 17.29 2.02
N ALA A 194 1.82 16.51 1.27
CA ALA A 194 2.27 15.20 1.76
C ALA A 194 3.51 15.33 2.63
N GLY A 195 4.34 16.33 2.39
CA GLY A 195 5.56 16.52 3.14
C GLY A 195 6.75 15.80 2.51
N THR A 196 7.91 16.02 3.12
CA THR A 196 9.15 15.42 2.63
C THR A 196 9.10 13.91 2.78
N ASP A 197 9.22 13.20 1.67
CA ASP A 197 9.35 11.75 1.71
C ASP A 197 10.82 11.36 1.77
N THR A 198 11.11 10.37 2.61
CA THR A 198 12.46 9.83 2.75
C THR A 198 12.48 8.41 2.18
N THR A 199 13.66 7.79 2.26
CA THR A 199 13.89 6.47 1.67
C THR A 199 13.97 5.42 2.77
N ILE A 200 13.28 4.30 2.55
CA ILE A 200 13.24 3.21 3.51
C ILE A 200 14.57 2.48 3.48
N THR A 201 15.49 2.89 4.35
CA THR A 201 16.87 2.41 4.27
C THR A 201 16.96 0.91 4.49
N VAL A 202 16.22 0.38 5.46
CA VAL A 202 16.24 -1.07 5.70
C VAL A 202 15.76 -1.81 4.46
N ASN A 203 14.85 -1.21 3.70
CA ASN A 203 14.35 -1.87 2.48
C ASN A 203 15.41 -1.89 1.39
N VAL A 204 16.17 -0.81 1.26
CA VAL A 204 17.25 -0.79 0.27
C VAL A 204 18.31 -1.83 0.62
N LEU A 205 18.64 -1.95 1.91
CA LEU A 205 19.61 -2.95 2.34
C LEU A 205 19.15 -4.36 1.98
N ALA A 206 17.87 -4.66 2.20
CA ALA A 206 17.35 -5.97 1.81
C ALA A 206 17.44 -6.18 0.31
N TRP A 207 17.27 -5.11 -0.48
CA TRP A 207 17.36 -5.23 -1.93
C TRP A 207 18.80 -5.54 -2.36
N LEU A 208 19.77 -4.85 -1.76
CA LEU A 208 21.17 -5.15 -2.04
C LEU A 208 21.50 -6.59 -1.69
N TYR A 209 20.94 -7.10 -0.59
CA TYR A 209 21.11 -8.50 -0.25
C TYR A 209 20.59 -9.39 -1.37
N ALA A 210 19.38 -9.11 -1.85
CA ALA A 210 18.80 -9.91 -2.93
C ALA A 210 19.68 -9.87 -4.17
N ALA A 211 20.37 -8.75 -4.42
CA ALA A 211 21.26 -8.67 -5.57
C ALA A 211 22.46 -9.60 -5.40
N VAL A 212 23.02 -9.67 -4.18
CA VAL A 212 24.16 -10.56 -3.93
C VAL A 212 23.75 -12.01 -4.11
N ILE A 213 22.54 -12.36 -3.66
CA ILE A 213 22.03 -13.72 -3.86
C ILE A 213 21.89 -14.04 -5.33
N ASN A 214 21.69 -13.03 -6.18
CA ASN A 214 21.44 -13.22 -7.60
C ASN A 214 22.59 -12.73 -8.46
N GLY A 215 23.83 -12.92 -8.01
CA GLY A 215 25.02 -12.72 -8.81
C GLY A 215 25.57 -11.30 -8.82
N ASP A 216 24.72 -10.28 -8.67
CA ASP A 216 25.18 -8.90 -8.71
C ASP A 216 25.86 -8.56 -7.39
N ARG A 217 27.20 -8.45 -7.43
CA ARG A 217 27.98 -8.24 -6.21
C ARG A 217 29.04 -7.15 -6.36
N TRP A 218 29.01 -6.37 -7.44
CA TRP A 218 30.08 -5.42 -7.69
C TRP A 218 30.12 -4.33 -6.63
N PHE A 219 28.97 -3.95 -6.07
CA PHE A 219 28.93 -2.90 -5.05
C PHE A 219 29.57 -3.32 -3.73
N LEU A 220 29.87 -4.61 -3.55
CA LEU A 220 30.54 -5.06 -2.35
C LEU A 220 31.93 -4.45 -2.28
N ASN A 221 32.17 -3.61 -1.27
CA ASN A 221 33.38 -2.81 -1.18
C ASN A 221 34.31 -3.35 -0.10
N ARG A 222 35.44 -2.67 0.05
CA ARG A 222 36.44 -3.04 1.06
C ARG A 222 36.04 -2.52 2.44
N PHE A 223 35.55 -1.28 2.50
CA PHE A 223 35.33 -0.58 3.75
C PHE A 223 34.24 -1.24 4.59
N THR A 224 34.18 -0.84 5.85
CA THR A 224 33.01 -1.03 6.69
C THR A 224 32.66 0.33 7.28
N THR A 225 31.73 0.37 8.24
CA THR A 225 31.34 1.62 8.87
C THR A 225 30.64 1.33 10.19
N THR A 226 30.23 2.40 10.87
CA THR A 226 29.45 2.31 12.09
C THR A 226 28.03 2.80 11.83
N LEU A 227 27.12 2.40 12.74
CA LEU A 227 25.73 2.84 12.64
C LEU A 227 25.64 4.36 12.65
N ASN A 228 26.29 5.01 13.63
CA ASN A 228 26.23 6.46 13.72
C ASN A 228 26.83 7.13 12.51
N ASP A 229 27.98 6.65 12.03
CA ASP A 229 28.64 7.27 10.90
C ASP A 229 27.85 7.05 9.61
N PHE A 230 27.27 5.86 9.44
CA PHE A 230 26.40 5.63 8.29
C PHE A 230 25.15 6.48 8.38
N ASN A 231 24.56 6.59 9.57
CA ASN A 231 23.35 7.38 9.75
C ASN A 231 23.58 8.86 9.51
N LEU A 232 24.82 9.34 9.64
CA LEU A 232 25.11 10.72 9.29
C LEU A 232 25.05 10.91 7.78
N VAL A 233 25.55 9.92 7.02
CA VAL A 233 25.41 9.98 5.57
C VAL A 233 23.96 9.80 5.16
N ALA A 234 23.18 9.06 5.96
CA ALA A 234 21.77 8.85 5.64
C ALA A 234 20.97 10.13 5.77
N MET A 235 21.29 10.97 6.76
CA MET A 235 20.58 12.23 6.92
C MET A 235 20.80 13.14 5.72
N LYS A 236 22.05 13.21 5.24
CA LYS A 236 22.37 14.09 4.12
C LYS A 236 21.59 13.71 2.86
N TYR A 237 21.25 12.43 2.71
CA TYR A 237 20.56 11.95 1.52
C TYR A 237 19.08 11.64 1.79
N ASN A 238 18.54 12.12 2.91
CA ASN A 238 17.14 11.93 3.26
C ASN A 238 16.76 10.45 3.28
N TYR A 239 17.57 9.66 3.98
CA TYR A 239 17.28 8.26 4.24
C TYR A 239 16.77 8.11 5.67
N GLU A 240 15.91 7.12 5.88
CA GLU A 240 15.41 6.85 7.22
C GLU A 240 16.55 6.37 8.11
N PRO A 241 16.63 6.83 9.35
CA PRO A 241 17.73 6.42 10.23
C PRO A 241 17.64 4.94 10.56
N LEU A 242 18.75 4.23 10.35
CA LEU A 242 18.79 2.78 10.58
C LEU A 242 19.00 2.49 12.07
N THR A 243 18.15 1.63 12.62
CA THR A 243 18.20 1.26 14.03
C THR A 243 18.68 -0.18 14.17
N GLN A 244 18.91 -0.58 15.43
CA GLN A 244 19.34 -1.94 15.70
C GLN A 244 18.22 -2.95 15.44
N ASP A 245 16.97 -2.53 15.59
CA ASP A 245 15.86 -3.38 15.16
C ASP A 245 15.98 -3.70 13.68
N HIS A 246 16.29 -2.69 12.86
CA HIS A 246 16.50 -2.92 11.43
C HIS A 246 17.63 -3.91 11.17
N VAL A 247 18.70 -3.82 11.97
CA VAL A 247 19.80 -4.78 11.84
C VAL A 247 19.33 -6.19 12.22
N ASP A 248 18.46 -6.29 13.22
CA ASP A 248 17.96 -7.59 13.64
C ASP A 248 17.07 -8.22 12.58
N ILE A 249 16.31 -7.41 11.83
CA ILE A 249 15.45 -7.96 10.78
C ILE A 249 16.29 -8.45 9.61
N LEU A 250 17.44 -7.84 9.36
CA LEU A 250 18.31 -8.26 8.27
C LEU A 250 19.23 -9.41 8.67
N GLY A 251 19.08 -9.95 9.89
CA GLY A 251 19.92 -11.00 10.38
C GLY A 251 19.93 -12.24 9.51
N PRO A 252 18.76 -12.86 9.30
CA PRO A 252 18.69 -14.03 8.41
C PRO A 252 19.25 -13.77 7.02
N LEU A 253 19.06 -12.57 6.47
CA LEU A 253 19.68 -12.23 5.20
C LEU A 253 21.19 -12.16 5.33
N SER A 254 21.68 -11.61 6.45
CA SER A 254 23.11 -11.58 6.70
C SER A 254 23.70 -12.99 6.79
N ALA A 255 22.99 -13.90 7.46
CA ALA A 255 23.53 -15.24 7.68
C ALA A 255 23.56 -16.05 6.39
N GLN A 256 22.57 -15.86 5.51
CA GLN A 256 22.53 -16.63 4.27
C GLN A 256 23.64 -16.23 3.32
N THR A 257 24.01 -14.94 3.29
CA THR A 257 25.00 -14.43 2.37
C THR A 257 26.36 -14.17 3.03
N GLY A 258 26.46 -14.36 4.35
CA GLY A 258 27.73 -14.19 5.03
C GLY A 258 28.29 -12.79 5.00
N ILE A 259 27.45 -11.78 4.83
CA ILE A 259 27.88 -10.38 4.80
C ILE A 259 27.24 -9.68 6.00
N ALA A 260 28.08 -9.14 6.89
CA ALA A 260 27.57 -8.42 8.05
C ALA A 260 26.79 -7.19 7.60
N VAL A 261 25.80 -6.80 8.42
CA VAL A 261 24.92 -5.69 8.05
C VAL A 261 25.71 -4.40 7.90
N LEU A 262 26.67 -4.17 8.79
CA LEU A 262 27.48 -2.95 8.70
C LEU A 262 28.34 -2.94 7.44
N ASP A 263 28.72 -4.12 6.93
CA ASP A 263 29.45 -4.17 5.67
C ASP A 263 28.59 -3.68 4.51
N MET A 264 27.36 -4.16 4.43
CA MET A 264 26.44 -3.67 3.40
C MET A 264 26.13 -2.19 3.58
N CYS A 265 26.10 -1.71 4.84
CA CYS A 265 25.88 -0.29 5.08
C CYS A 265 27.01 0.55 4.52
N ALA A 266 28.23 0.03 4.50
CA ALA A 266 29.35 0.76 3.92
C ALA A 266 29.30 0.75 2.40
N SER A 267 28.91 -0.38 1.81
CA SER A 267 28.70 -0.42 0.37
C SER A 267 27.61 0.55 -0.05
N LEU A 268 26.55 0.66 0.76
CA LEU A 268 25.49 1.61 0.47
C LEU A 268 25.96 3.05 0.64
N LYS A 269 26.81 3.29 1.64
CA LYS A 269 27.37 4.62 1.83
C LYS A 269 28.18 5.08 0.62
N GLU A 270 28.94 4.17 0.01
CA GLU A 270 29.71 4.53 -1.17
C GLU A 270 28.82 4.73 -2.38
N LEU A 271 27.75 3.95 -2.50
CA LEU A 271 26.80 4.16 -3.60
C LEU A 271 26.08 5.49 -3.46
N LEU A 272 25.82 5.93 -2.23
CA LEU A 272 25.20 7.24 -2.03
C LEU A 272 26.18 8.36 -2.32
N GLN A 273 27.45 8.18 -1.98
CA GLN A 273 28.44 9.24 -2.16
C GLN A 273 28.98 9.29 -3.58
N ASN A 274 29.14 8.14 -4.23
CA ASN A 274 29.79 8.07 -5.54
C ASN A 274 28.83 7.71 -6.66
N GLY A 275 27.52 7.68 -6.39
CA GLY A 275 26.59 7.37 -7.45
C GLY A 275 26.69 5.92 -7.91
N MET A 276 26.23 5.68 -9.14
CA MET A 276 26.22 4.36 -9.72
C MET A 276 27.12 4.21 -10.95
N ASN A 277 27.73 5.30 -11.43
CA ASN A 277 28.71 5.27 -12.52
C ASN A 277 28.16 4.68 -13.80
N GLY A 278 26.83 4.65 -13.96
CA GLY A 278 26.22 4.12 -15.16
C GLY A 278 25.93 2.64 -15.13
N ARG A 279 26.24 1.95 -14.03
CA ARG A 279 25.92 0.53 -13.94
C ARG A 279 24.55 0.37 -13.29
N THR A 280 24.07 -0.87 -13.29
CA THR A 280 22.77 -1.21 -12.75
C THR A 280 22.89 -2.31 -11.71
N ILE A 281 21.92 -2.37 -10.80
CA ILE A 281 21.79 -3.45 -9.83
C ILE A 281 20.42 -4.06 -10.02
N LEU A 282 20.38 -5.36 -10.35
CA LEU A 282 19.13 -6.05 -10.67
C LEU A 282 18.35 -5.29 -11.75
N GLY A 283 19.07 -4.80 -12.76
CA GLY A 283 18.43 -4.14 -13.88
C GLY A 283 17.88 -2.76 -13.59
N SER A 284 18.25 -2.15 -12.47
CA SER A 284 17.78 -0.82 -12.10
C SER A 284 18.97 0.11 -11.91
N ALA A 285 18.83 1.34 -12.42
CA ALA A 285 19.89 2.34 -12.33
C ALA A 285 19.74 3.23 -11.10
N LEU A 286 18.84 2.91 -10.19
CA LEU A 286 18.71 3.62 -8.92
C LEU A 286 18.47 2.59 -7.82
N LEU A 287 18.38 3.08 -6.58
CA LEU A 287 18.22 2.22 -5.42
C LEU A 287 16.75 1.99 -5.12
N GLU A 288 16.36 0.73 -5.00
CA GLU A 288 14.97 0.34 -4.85
C GLU A 288 14.65 0.13 -3.37
N ASP A 289 13.65 0.84 -2.87
CA ASP A 289 13.30 0.83 -1.45
C ASP A 289 11.91 0.27 -1.18
N GLU A 290 11.29 -0.40 -2.14
CA GLU A 290 9.95 -0.94 -1.96
C GLU A 290 9.96 -2.45 -1.74
N PHE A 291 11.06 -2.99 -1.21
CA PHE A 291 11.21 -4.40 -0.91
C PHE A 291 11.56 -4.54 0.57
N THR A 292 10.59 -4.99 1.37
CA THR A 292 10.87 -5.27 2.77
C THR A 292 11.81 -6.47 2.87
N PRO A 293 12.53 -6.60 3.99
CA PRO A 293 13.31 -7.83 4.21
C PRO A 293 12.48 -9.09 4.08
N PHE A 294 11.21 -9.03 4.49
CA PHE A 294 10.32 -10.18 4.35
C PHE A 294 10.01 -10.45 2.88
N ASP A 295 9.88 -9.39 2.07
CA ASP A 295 9.64 -9.57 0.64
C ASP A 295 10.78 -10.34 -0.03
N VAL A 296 12.02 -10.06 0.36
CA VAL A 296 13.16 -10.71 -0.26
C VAL A 296 13.22 -12.18 0.12
N VAL A 297 13.02 -12.49 1.41
CA VAL A 297 13.03 -13.88 1.86
C VAL A 297 11.88 -14.65 1.22
N ARG A 298 10.74 -13.98 0.99
CA ARG A 298 9.65 -14.59 0.23
C ARG A 298 10.14 -15.12 -1.10
N GLN A 299 10.86 -14.29 -1.85
CA GLN A 299 11.21 -14.60 -3.23
C GLN A 299 12.46 -15.46 -3.36
N CYS A 300 13.32 -15.48 -2.35
CA CYS A 300 14.54 -16.28 -2.39
C CYS A 300 14.38 -17.64 -1.73
N SER A 301 13.18 -17.96 -1.24
CA SER A 301 12.90 -19.30 -0.72
C SER A 301 11.55 -19.84 -1.16
N GLY A 302 10.73 -19.05 -1.86
CA GLY A 302 9.45 -19.53 -2.37
C GLY A 302 8.32 -19.48 -1.36
N ALA B 2 -13.83 8.69 -7.12
CA ALA B 2 -15.10 8.17 -7.60
C ALA B 2 -15.48 8.74 -8.96
N ILE B 3 -16.65 8.18 -9.63
CA ILE B 3 -17.11 8.68 -10.91
C ILE B 3 -18.39 9.44 -10.59
#